data_4PP8
#
_entry.id   4PP8
#
_cell.length_a   58.637
_cell.length_b   58.637
_cell.length_c   350.330
_cell.angle_alpha   90.00
_cell.angle_beta   90.00
_cell.angle_gamma   120.00
#
_symmetry.space_group_name_H-M   'P 61'
#
loop_
_entity.id
_entity.type
_entity.pdbx_description
1 polymer 'NKG2-D type II integral membrane protein'
2 polymer 'Retinoic acid early-inducible protein 1-beta'
3 non-polymer GLYCEROL
4 water water
#
loop_
_entity_poly.entity_id
_entity_poly.type
_entity_poly.pdbx_seq_one_letter_code
_entity_poly.pdbx_strand_id
1 'polypeptide(L)'
;MEGYCGPCPNNWICHRNNCYQFFNEEKTWNQSQASCLSQNSSLLKIYSKEEQDFLKLVKSYHWMGLVQIPANGSWQWEDG
SSLSYNQLTLVEIPKGSCAVYGSSFKAYTEDCANLNTYICMKRAV
;
A,B
2 'polypeptide(L)'
;DAHSLRCNLTIKDPTPADPLWYEAKCFVGEILILHLSNINKTMTSGDPGETANATEVKKCLTQPLKNLCQKLRNKVSNTK
VDTHKTNGYPHLQVTMIYPQSQGRTPSATWEFNISDSYFFTFYTENMSWRSANDESGVIMNKWKDDGEFVKQLKFLIHEC
SQKMDEFLKQSKEK
;
C,D
#
# COMPACT_ATOMS: atom_id res chain seq x y z
N MET A 1 -25.82 -12.93 12.16
CA MET A 1 -24.72 -12.12 11.58
C MET A 1 -25.01 -11.62 10.17
N GLU A 2 -25.70 -12.43 9.36
CA GLU A 2 -25.80 -12.18 7.91
C GLU A 2 -26.75 -11.07 7.49
N GLY A 3 -26.19 -10.01 6.91
CA GLY A 3 -26.96 -8.84 6.49
C GLY A 3 -26.77 -8.44 5.06
N TYR A 4 -27.28 -7.27 4.72
CA TYR A 4 -27.34 -6.82 3.34
C TYR A 4 -26.43 -5.63 3.13
N CYS A 5 -25.91 -5.52 1.91
CA CYS A 5 -24.91 -4.52 1.56
C CYS A 5 -25.51 -3.65 0.46
N GLY A 6 -25.52 -2.35 0.69
CA GLY A 6 -26.12 -1.41 -0.25
C GLY A 6 -26.64 -0.15 0.45
N PRO A 7 -27.41 0.67 -0.27
CA PRO A 7 -27.82 0.46 -1.67
C PRO A 7 -26.69 0.72 -2.66
N CYS A 8 -26.62 -0.09 -3.71
CA CYS A 8 -25.63 0.10 -4.75
C CYS A 8 -26.24 0.00 -6.13
N PRO A 9 -25.56 0.58 -7.13
CA PRO A 9 -26.03 0.37 -8.49
C PRO A 9 -25.97 -1.10 -8.87
N ASN A 10 -26.80 -1.48 -9.82
CA ASN A 10 -26.89 -2.86 -10.27
C ASN A 10 -25.56 -3.40 -10.78
N ASN A 11 -25.18 -4.60 -10.33
CA ASN A 11 -23.93 -5.28 -10.75
C ASN A 11 -22.64 -4.73 -10.10
N TRP A 12 -22.75 -3.73 -9.24
CA TRP A 12 -21.57 -3.16 -8.61
C TRP A 12 -21.14 -4.06 -7.46
N ILE A 13 -19.87 -3.96 -7.08
CA ILE A 13 -19.30 -4.72 -5.99
C ILE A 13 -19.57 -3.95 -4.69
N CYS A 14 -20.05 -4.64 -3.66
CA CYS A 14 -20.42 -3.99 -2.41
C CYS A 14 -19.64 -4.55 -1.23
N HIS A 15 -19.16 -3.65 -0.38
CA HIS A 15 -18.46 -4.02 0.84
C HIS A 15 -18.69 -2.94 1.87
N ARG A 16 -19.23 -3.31 3.03
CA ARG A 16 -19.56 -2.36 4.10
C ARG A 16 -20.41 -1.20 3.58
N ASN A 17 -21.35 -1.50 2.69
CA ASN A 17 -22.19 -0.52 2.03
C ASN A 17 -21.48 0.50 1.16
N ASN A 18 -20.16 0.34 0.95
CA ASN A 18 -19.45 1.06 -0.10
C ASN A 18 -19.67 0.31 -1.42
N CYS A 19 -19.85 1.03 -2.52
CA CYS A 19 -20.11 0.41 -3.83
C CYS A 19 -18.95 0.69 -4.76
N TYR A 20 -18.46 -0.34 -5.43
CA TYR A 20 -17.34 -0.19 -6.34
C TYR A 20 -17.68 -0.73 -7.71
N GLN A 21 -17.14 -0.12 -8.74
CA GLN A 21 -17.18 -0.72 -10.05
C GLN A 21 -15.86 -0.46 -10.77
N PHE A 22 -15.44 -1.48 -11.50
CA PHE A 22 -14.17 -1.48 -12.20
C PHE A 22 -14.46 -1.36 -13.69
N PHE A 23 -14.07 -0.23 -14.28
CA PHE A 23 -14.35 0.04 -15.69
C PHE A 23 -13.14 -0.19 -16.57
N ASN A 24 -13.32 -1.00 -17.61
CA ASN A 24 -12.21 -1.41 -18.47
C ASN A 24 -11.97 -0.46 -19.66
N GLU A 25 -12.86 0.51 -19.89
CA GLU A 25 -12.62 1.52 -20.93
C GLU A 25 -11.49 2.45 -20.50
N GLU A 26 -10.59 2.76 -21.44
CA GLU A 26 -9.43 3.61 -21.18
C GLU A 26 -9.84 5.07 -21.38
N LYS A 27 -9.69 5.89 -20.35
CA LYS A 27 -10.08 7.29 -20.40
C LYS A 27 -9.04 8.17 -19.71
N THR A 28 -9.03 9.46 -20.03
CA THR A 28 -8.24 10.43 -19.29
C THR A 28 -8.81 10.56 -17.88
N TRP A 29 -8.08 11.21 -16.99
CA TRP A 29 -8.56 11.36 -15.62
C TRP A 29 -9.90 12.11 -15.62
N ASN A 30 -9.93 13.21 -16.37
CA ASN A 30 -11.13 14.02 -16.47
C ASN A 30 -12.33 13.27 -17.02
N GLN A 31 -12.14 12.48 -18.08
CA GLN A 31 -13.21 11.67 -18.65
C GLN A 31 -13.63 10.57 -17.68
N SER A 32 -12.68 10.05 -16.90
CA SER A 32 -13.00 9.02 -15.92
C SER A 32 -13.86 9.62 -14.82
N GLN A 33 -13.50 10.80 -14.35
CA GLN A 33 -14.30 11.46 -13.33
C GLN A 33 -15.73 11.73 -13.81
N ALA A 34 -15.86 12.17 -15.06
CA ALA A 34 -17.18 12.45 -15.65
C ALA A 34 -18.03 11.19 -15.74
N SER A 35 -17.41 10.07 -16.08
CA SER A 35 -18.12 8.80 -16.11
C SER A 35 -18.65 8.40 -14.72
N CYS A 36 -17.80 8.50 -13.70
CA CYS A 36 -18.26 8.21 -12.34
C CYS A 36 -19.42 9.16 -11.93
N LEU A 37 -19.22 10.45 -12.16
CA LEU A 37 -20.25 11.46 -11.83
C LEU A 37 -21.60 11.16 -12.48
N SER A 38 -21.58 10.78 -13.76
CA SER A 38 -22.82 10.43 -14.47
C SER A 38 -23.55 9.23 -13.84
N GLN A 39 -22.84 8.43 -13.05
CA GLN A 39 -23.43 7.30 -12.31
C GLN A 39 -23.54 7.55 -10.81
N ASN A 40 -23.64 8.83 -10.42
CA ASN A 40 -23.84 9.22 -9.02
C ASN A 40 -22.74 8.69 -8.10
N SER A 41 -21.49 8.77 -8.56
CA SER A 41 -20.37 8.29 -7.80
C SER A 41 -19.17 9.18 -8.06
N SER A 42 -18.05 8.84 -7.45
CA SER A 42 -16.81 9.53 -7.71
C SER A 42 -15.75 8.47 -7.96
N LEU A 43 -14.56 8.89 -8.38
CA LEU A 43 -13.47 7.95 -8.52
C LEU A 43 -13.06 7.40 -7.17
N LEU A 44 -12.42 6.23 -7.21
CA LEU A 44 -11.94 5.56 -6.00
C LEU A 44 -11.23 6.47 -5.02
N LYS A 45 -11.67 6.41 -3.77
CA LYS A 45 -10.97 7.04 -2.66
C LYS A 45 -10.61 5.96 -1.64
N ILE A 46 -9.39 6.01 -1.15
CA ILE A 46 -8.96 5.17 -0.04
C ILE A 46 -9.09 5.95 1.26
N TYR A 47 -10.12 5.63 2.03
CA TYR A 47 -10.36 6.26 3.31
C TYR A 47 -9.83 5.41 4.47
N SER A 48 -9.75 4.10 4.28
CA SER A 48 -9.29 3.21 5.35
C SER A 48 -8.76 1.89 4.79
N LYS A 49 -7.45 1.68 4.94
CA LYS A 49 -6.81 0.41 4.60
C LYS A 49 -7.48 -0.76 5.28
N GLU A 50 -7.79 -0.62 6.56
CA GLU A 50 -8.45 -1.66 7.34
C GLU A 50 -9.81 -1.99 6.74
N GLU A 51 -10.64 -0.97 6.54
CA GLU A 51 -12.00 -1.19 6.06
C GLU A 51 -12.07 -1.54 4.58
N GLN A 52 -11.04 -1.19 3.81
CA GLN A 52 -11.02 -1.48 2.37
C GLN A 52 -9.95 -2.52 2.00
N ASP A 53 -9.64 -3.42 2.94
CA ASP A 53 -8.47 -4.32 2.84
C ASP A 53 -8.38 -5.08 1.51
N PHE A 54 -9.51 -5.59 1.02
CA PHE A 54 -9.50 -6.40 -0.21
C PHE A 54 -8.97 -5.67 -1.44
N LEU A 55 -9.07 -4.34 -1.45
CA LEU A 55 -8.54 -3.55 -2.56
C LEU A 55 -7.01 -3.65 -2.72
N LYS A 56 -6.32 -4.11 -1.68
CA LYS A 56 -4.88 -4.41 -1.82
C LYS A 56 -4.61 -5.40 -2.97
N LEU A 57 -5.61 -6.23 -3.29
CA LEU A 57 -5.48 -7.28 -4.28
C LEU A 57 -5.77 -6.84 -5.72
N VAL A 58 -6.18 -5.59 -5.91
CA VAL A 58 -6.55 -5.16 -7.25
C VAL A 58 -5.32 -4.87 -8.11
N LYS A 59 -5.12 -5.67 -9.16
CA LYS A 59 -3.93 -5.54 -9.99
C LYS A 59 -4.11 -4.45 -11.06
N SER A 60 -3.02 -4.22 -11.79
CA SER A 60 -2.97 -3.24 -12.87
C SER A 60 -3.02 -1.83 -12.29
N TYR A 61 -3.21 -0.84 -13.16
CA TYR A 61 -3.28 0.54 -12.75
C TYR A 61 -4.64 1.11 -13.14
N HIS A 62 -5.24 1.89 -12.25
CA HIS A 62 -6.55 2.49 -12.49
C HIS A 62 -6.60 3.91 -11.96
N TRP A 63 -7.21 4.81 -12.72
CA TRP A 63 -7.44 6.15 -12.21
C TRP A 63 -8.24 6.05 -10.92
N MET A 64 -7.82 6.85 -9.95
CA MET A 64 -8.51 7.03 -8.69
C MET A 64 -8.69 8.54 -8.40
N GLY A 65 -9.37 8.87 -7.32
CA GLY A 65 -9.82 10.26 -7.10
C GLY A 65 -8.83 11.18 -6.42
N LEU A 66 -7.55 10.98 -6.69
CA LEU A 66 -6.48 11.68 -5.98
C LEU A 66 -5.84 12.69 -6.92
N VAL A 67 -5.85 13.96 -6.52
CA VAL A 67 -5.42 15.07 -7.39
C VAL A 67 -4.46 16.02 -6.71
N GLN A 68 -3.53 16.56 -7.49
CA GLN A 68 -2.53 17.45 -6.98
C GLN A 68 -2.92 18.91 -7.11
N ILE A 69 -2.51 19.70 -6.14
CA ILE A 69 -2.45 21.15 -6.26
C ILE A 69 -0.98 21.55 -6.43
N PRO A 70 -0.55 21.79 -7.67
CA PRO A 70 0.88 22.06 -7.90
C PRO A 70 1.44 23.27 -7.15
N ALA A 71 0.61 24.26 -6.84
CA ALA A 71 1.07 25.48 -6.17
C ALA A 71 1.86 25.18 -4.90
N ASN A 72 1.34 24.27 -4.10
CA ASN A 72 1.98 23.86 -2.85
C ASN A 72 2.39 22.38 -2.84
N GLY A 73 2.20 21.67 -3.95
CA GLY A 73 2.54 20.25 -4.07
C GLY A 73 1.66 19.29 -3.28
N SER A 74 0.57 19.79 -2.70
CA SER A 74 -0.29 18.94 -1.88
C SER A 74 -1.22 18.09 -2.74
N TRP A 75 -1.68 16.98 -2.16
CA TRP A 75 -2.57 16.06 -2.83
C TRP A 75 -3.83 15.96 -2.00
N GLN A 76 -4.97 15.96 -2.67
CA GLN A 76 -6.25 15.80 -2.01
C GLN A 76 -7.10 14.85 -2.81
N TRP A 77 -8.13 14.34 -2.16
CA TRP A 77 -9.16 13.61 -2.83
C TRP A 77 -10.10 14.60 -3.51
N GLU A 78 -10.87 14.12 -4.48
CA GLU A 78 -11.89 14.94 -5.16
C GLU A 78 -12.76 15.71 -4.18
N ASP A 79 -13.11 15.06 -3.07
CA ASP A 79 -14.01 15.65 -2.09
C ASP A 79 -13.36 16.75 -1.24
N GLY A 80 -12.07 17.02 -1.48
CA GLY A 80 -11.39 18.08 -0.78
C GLY A 80 -10.64 17.64 0.46
N SER A 81 -10.86 16.40 0.91
CA SER A 81 -10.13 15.89 2.06
C SER A 81 -8.69 15.57 1.67
N SER A 82 -7.78 15.67 2.64
CA SER A 82 -6.37 15.52 2.35
C SER A 82 -5.97 14.04 2.18
N LEU A 83 -4.92 13.81 1.40
CA LEU A 83 -4.30 12.51 1.36
C LEU A 83 -3.58 12.26 2.70
N SER A 84 -3.80 11.08 3.27
CA SER A 84 -3.12 10.69 4.49
C SER A 84 -2.17 9.54 4.15
N TYR A 85 -0.94 9.63 4.65
CA TYR A 85 0.05 8.57 4.43
C TYR A 85 -0.41 7.24 5.07
N ASN A 86 -1.33 7.30 6.02
CA ASN A 86 -1.93 6.07 6.59
C ASN A 86 -2.97 5.39 5.69
N GLN A 87 -3.44 6.10 4.67
CA GLN A 87 -4.38 5.59 3.68
C GLN A 87 -3.61 4.83 2.59
N LEU A 88 -2.47 5.39 2.18
CA LEU A 88 -1.94 5.10 0.88
C LEU A 88 -0.52 5.61 0.78
N THR A 89 0.35 4.88 0.07
CA THR A 89 1.69 5.35 -0.23
C THR A 89 1.71 5.88 -1.65
N LEU A 90 1.98 7.18 -1.80
CA LEU A 90 2.04 7.81 -3.11
C LEU A 90 3.48 7.89 -3.62
N VAL A 91 3.74 7.30 -4.77
CA VAL A 91 5.04 7.34 -5.42
C VAL A 91 4.97 8.49 -6.42
N GLU A 92 5.71 9.55 -6.13
CA GLU A 92 5.68 10.76 -6.95
C GLU A 92 6.72 10.73 -8.07
N ILE A 93 6.23 10.94 -9.30
CA ILE A 93 7.03 11.02 -10.52
C ILE A 93 6.95 12.49 -10.93
N PRO A 94 8.10 13.18 -11.08
CA PRO A 94 8.16 14.65 -11.18
C PRO A 94 7.04 15.34 -11.97
N LYS A 95 6.63 14.77 -13.10
CA LYS A 95 5.57 15.35 -13.92
C LYS A 95 4.29 14.53 -13.78
N GLY A 96 3.20 15.20 -13.37
CA GLY A 96 1.89 14.55 -13.28
C GLY A 96 1.10 15.00 -12.06
N SER A 97 -0.15 15.37 -12.28
CA SER A 97 -0.98 15.93 -11.22
C SER A 97 -2.19 15.06 -10.91
N CYS A 98 -2.16 13.84 -11.43
CA CYS A 98 -3.15 12.81 -11.13
C CYS A 98 -2.39 11.56 -10.68
N ALA A 99 -3.13 10.57 -10.21
CA ALA A 99 -2.53 9.36 -9.70
C ALA A 99 -3.37 8.13 -10.04
N VAL A 100 -2.67 7.05 -10.38
CA VAL A 100 -3.28 5.75 -10.53
C VAL A 100 -3.09 4.92 -9.28
N TYR A 101 -4.14 4.16 -8.94
CA TYR A 101 -4.02 3.11 -7.95
C TYR A 101 -3.22 1.96 -8.56
N GLY A 102 -2.32 1.38 -7.79
CA GLY A 102 -1.44 0.31 -8.30
C GLY A 102 -1.26 -0.87 -7.36
N SER A 103 -2.33 -1.27 -6.69
CA SER A 103 -2.37 -2.40 -5.76
C SER A 103 -1.68 -2.06 -4.45
N SER A 104 -1.93 -2.89 -3.45
CA SER A 104 -1.21 -2.86 -2.19
C SER A 104 -1.20 -1.47 -1.54
N PHE A 105 -2.29 -0.74 -1.72
CA PHE A 105 -2.39 0.62 -1.19
C PHE A 105 -1.20 1.48 -1.59
N LYS A 106 -0.85 1.41 -2.86
CA LYS A 106 0.18 2.26 -3.44
C LYS A 106 -0.44 2.97 -4.64
N ALA A 107 -0.03 4.21 -4.85
CA ALA A 107 -0.45 4.98 -5.99
C ALA A 107 0.78 5.56 -6.66
N TYR A 108 0.67 5.79 -7.96
CA TYR A 108 1.75 6.37 -8.75
C TYR A 108 1.20 7.61 -9.44
N THR A 109 1.96 8.70 -9.39
CA THR A 109 1.56 9.92 -10.08
C THR A 109 1.71 9.69 -11.58
N GLU A 110 0.80 10.28 -12.34
CA GLU A 110 0.76 10.14 -13.80
C GLU A 110 0.19 11.42 -14.39
N ASP A 111 0.57 11.68 -15.63
CA ASP A 111 -0.04 12.74 -16.42
C ASP A 111 -1.55 12.50 -16.53
N CYS A 112 -2.34 13.48 -16.08
CA CYS A 112 -3.81 13.44 -16.14
C CYS A 112 -4.39 13.15 -17.52
N ALA A 113 -3.65 13.50 -18.57
CA ALA A 113 -4.05 13.22 -19.95
C ALA A 113 -3.86 11.75 -20.39
N ASN A 114 -3.16 10.93 -19.59
CA ASN A 114 -2.98 9.52 -19.93
C ASN A 114 -4.29 8.75 -19.91
N LEU A 115 -4.40 7.75 -20.79
CA LEU A 115 -5.56 6.89 -20.80
C LEU A 115 -5.31 5.74 -19.81
N ASN A 116 -6.24 5.55 -18.88
CA ASN A 116 -6.22 4.41 -17.99
C ASN A 116 -7.62 3.88 -17.80
N THR A 117 -7.70 2.62 -17.38
CA THR A 117 -8.91 2.08 -16.80
C THR A 117 -9.16 2.84 -15.50
N TYR A 118 -10.33 2.70 -14.90
CA TYR A 118 -10.69 3.51 -13.75
C TYR A 118 -11.69 2.79 -12.86
N ILE A 119 -11.75 3.22 -11.60
CA ILE A 119 -12.59 2.61 -10.60
C ILE A 119 -13.47 3.68 -9.99
N CYS A 120 -14.79 3.47 -10.02
CA CYS A 120 -15.74 4.36 -9.37
C CYS A 120 -16.14 3.79 -8.03
N MET A 121 -16.50 4.70 -7.12
CA MET A 121 -16.88 4.34 -5.78
C MET A 121 -17.98 5.26 -5.29
N LYS A 122 -18.97 4.66 -4.62
CA LYS A 122 -19.93 5.39 -3.80
C LYS A 122 -19.69 5.01 -2.34
N ARG A 123 -19.30 5.99 -1.52
CA ARG A 123 -19.07 5.78 -0.09
C ARG A 123 -20.40 5.50 0.61
N ALA A 124 -20.37 4.58 1.58
CA ALA A 124 -21.52 4.31 2.42
C ALA A 124 -21.97 5.58 3.13
N VAL A 125 -23.28 5.75 3.26
CA VAL A 125 -23.85 6.92 3.95
C VAL A 125 -24.38 6.51 5.32
N MET B 1 -33.33 -8.45 -3.07
CA MET B 1 -33.70 -7.15 -2.46
C MET B 1 -33.25 -5.98 -3.31
N GLU B 2 -34.18 -5.08 -3.62
CA GLU B 2 -33.92 -4.05 -4.62
C GLU B 2 -32.78 -3.11 -4.21
N GLY B 3 -31.75 -3.06 -5.06
CA GLY B 3 -30.59 -2.20 -4.83
C GLY B 3 -29.61 -2.74 -3.80
N TYR B 4 -29.86 -3.94 -3.29
CA TYR B 4 -29.04 -4.52 -2.22
C TYR B 4 -28.47 -5.88 -2.62
N CYS B 5 -27.38 -6.23 -1.94
CA CYS B 5 -26.64 -7.43 -2.19
C CYS B 5 -26.52 -8.20 -0.89
N GLY B 6 -26.94 -9.46 -0.89
CA GLY B 6 -26.92 -10.28 0.31
C GLY B 6 -28.05 -11.28 0.31
N PRO B 7 -28.25 -11.99 1.45
CA PRO B 7 -27.51 -11.83 2.70
C PRO B 7 -26.10 -12.44 2.65
N CYS B 8 -25.15 -11.79 3.31
CA CYS B 8 -23.79 -12.29 3.38
C CYS B 8 -23.28 -12.18 4.79
N PRO B 9 -22.25 -12.97 5.12
CA PRO B 9 -21.63 -12.78 6.42
C PRO B 9 -21.08 -11.36 6.56
N ASN B 10 -21.00 -10.91 7.80
CA ASN B 10 -20.56 -9.56 8.10
C ASN B 10 -19.16 -9.27 7.55
N ASN B 11 -19.00 -8.12 6.89
CA ASN B 11 -17.73 -7.67 6.32
C ASN B 11 -17.28 -8.40 5.04
N TRP B 12 -18.10 -9.33 4.54
CA TRP B 12 -17.75 -10.03 3.30
C TRP B 12 -18.07 -9.14 2.10
N ILE B 13 -17.41 -9.42 0.98
CA ILE B 13 -17.60 -8.71 -0.27
C ILE B 13 -18.78 -9.34 -1.00
N CYS B 14 -19.71 -8.52 -1.48
CA CYS B 14 -20.91 -9.04 -2.12
C CYS B 14 -21.03 -8.54 -3.57
N HIS B 15 -21.37 -9.46 -4.45
CA HIS B 15 -21.58 -9.14 -5.86
C HIS B 15 -22.62 -10.12 -6.40
N ARG B 16 -23.72 -9.59 -6.94
CA ARG B 16 -24.84 -10.39 -7.43
C ARG B 16 -25.32 -11.42 -6.38
N ASN B 17 -25.37 -10.99 -5.12
CA ASN B 17 -25.71 -11.86 -3.99
C ASN B 17 -24.78 -13.05 -3.74
N ASN B 18 -23.66 -13.14 -4.47
CA ASN B 18 -22.57 -14.03 -4.12
C ASN B 18 -21.72 -13.34 -3.06
N CYS B 19 -21.27 -14.09 -2.06
CA CYS B 19 -20.50 -13.52 -0.95
C CYS B 19 -19.06 -14.03 -1.02
N TYR B 20 -18.09 -13.14 -0.94
CA TYR B 20 -16.68 -13.52 -1.01
C TYR B 20 -15.95 -13.00 0.19
N GLN B 21 -14.96 -13.75 0.64
CA GLN B 21 -14.01 -13.20 1.58
C GLN B 21 -12.62 -13.70 1.22
N PHE B 22 -11.68 -12.77 1.37
CA PHE B 22 -10.28 -12.97 1.03
C PHE B 22 -9.52 -13.07 2.33
N PHE B 23 -9.08 -14.28 2.66
CA PHE B 23 -8.46 -14.54 3.94
C PHE B 23 -6.96 -14.50 3.80
N ASN B 24 -6.31 -13.71 4.66
CA ASN B 24 -4.87 -13.48 4.59
C ASN B 24 -4.03 -14.49 5.36
N GLU B 25 -4.67 -15.31 6.19
CA GLU B 25 -3.96 -16.39 6.88
C GLU B 25 -3.51 -17.43 5.86
N GLU B 26 -2.29 -17.90 6.02
CA GLU B 26 -1.71 -18.92 5.16
C GLU B 26 -2.09 -20.29 5.69
N LYS B 27 -2.76 -21.10 4.89
CA LYS B 27 -3.21 -22.43 5.31
C LYS B 27 -3.01 -23.45 4.19
N THR B 28 -2.95 -24.74 4.55
CA THR B 28 -2.98 -25.82 3.55
C THR B 28 -4.32 -25.82 2.87
N TRP B 29 -4.45 -26.56 1.76
CA TRP B 29 -5.72 -26.61 1.06
C TRP B 29 -6.80 -27.13 2.02
N ASN B 30 -6.48 -28.22 2.70
CA ASN B 30 -7.41 -28.84 3.62
C ASN B 30 -7.86 -27.93 4.76
N GLN B 31 -6.91 -27.22 5.37
CA GLN B 31 -7.23 -26.26 6.42
C GLN B 31 -8.04 -25.08 5.86
N SER B 32 -7.77 -24.70 4.61
CA SER B 32 -8.53 -23.62 3.97
C SER B 32 -9.98 -24.06 3.74
N GLN B 33 -10.17 -25.28 3.25
CA GLN B 33 -11.52 -25.81 3.05
C GLN B 33 -12.30 -25.87 4.37
N ALA B 34 -11.64 -26.29 5.44
CA ALA B 34 -12.27 -26.39 6.77
C ALA B 34 -12.68 -25.02 7.28
N SER B 35 -11.85 -24.01 7.05
CA SER B 35 -12.16 -22.65 7.44
C SER B 35 -13.42 -22.15 6.71
N CYS B 36 -13.47 -22.34 5.39
CA CYS B 36 -14.65 -21.92 4.62
C CYS B 36 -15.89 -22.66 5.13
N LEU B 37 -15.80 -23.98 5.29
CA LEU B 37 -16.91 -24.78 5.80
C LEU B 37 -17.44 -24.29 7.15
N SER B 38 -16.54 -23.97 8.07
CA SER B 38 -16.94 -23.47 9.40
C SER B 38 -17.73 -22.16 9.32
N GLN B 39 -17.61 -21.44 8.20
CA GLN B 39 -18.35 -20.20 7.98
C GLN B 39 -19.44 -20.37 6.92
N ASN B 40 -19.96 -21.59 6.77
CA ASN B 40 -21.08 -21.85 5.88
C ASN B 40 -20.81 -21.50 4.44
N SER B 41 -19.61 -21.82 3.98
CA SER B 41 -19.21 -21.49 2.63
C SER B 41 -18.29 -22.57 2.11
N SER B 42 -17.80 -22.38 0.90
CA SER B 42 -16.82 -23.28 0.33
C SER B 42 -15.71 -22.43 -0.28
N LEU B 43 -14.60 -23.07 -0.66
CA LEU B 43 -13.56 -22.36 -1.38
C LEU B 43 -14.09 -21.87 -2.71
N LEU B 44 -13.48 -20.79 -3.18
CA LEU B 44 -13.85 -20.15 -4.43
C LEU B 44 -14.09 -21.13 -5.55
N LYS B 45 -15.24 -20.97 -6.19
CA LYS B 45 -15.54 -21.66 -7.44
C LYS B 45 -15.81 -20.60 -8.49
N ILE B 46 -15.25 -20.81 -9.69
CA ILE B 46 -15.58 -19.97 -10.84
C ILE B 46 -16.66 -20.67 -11.65
N TYR B 47 -17.88 -20.15 -11.53
CA TYR B 47 -19.02 -20.68 -12.27
C TYR B 47 -19.29 -19.85 -13.54
N SER B 48 -18.90 -18.57 -13.55
CA SER B 48 -19.13 -17.72 -14.73
C SER B 48 -18.20 -16.53 -14.79
N LYS B 49 -17.32 -16.51 -15.79
CA LYS B 49 -16.43 -15.39 -16.06
C LYS B 49 -17.20 -14.08 -16.19
N GLU B 50 -18.32 -14.13 -16.92
CA GLU B 50 -19.15 -12.95 -17.12
C GLU B 50 -19.69 -12.42 -15.80
N GLU B 51 -20.29 -13.31 -15.01
CA GLU B 51 -20.91 -12.90 -13.75
C GLU B 51 -19.90 -12.61 -12.64
N GLN B 52 -18.70 -13.15 -12.74
CA GLN B 52 -17.68 -12.94 -11.72
C GLN B 52 -16.51 -12.11 -12.27
N ASP B 53 -16.79 -11.22 -13.21
CA ASP B 53 -15.76 -10.53 -14.01
C ASP B 53 -14.67 -9.87 -13.16
N PHE B 54 -15.06 -9.22 -12.08
CA PHE B 54 -14.11 -8.43 -11.28
C PHE B 54 -12.99 -9.29 -10.70
N LEU B 55 -13.24 -10.59 -10.55
CA LEU B 55 -12.24 -11.52 -10.05
C LEU B 55 -11.02 -11.62 -10.96
N LYS B 56 -11.14 -11.20 -12.22
CA LYS B 56 -10.00 -11.13 -13.12
C LYS B 56 -8.89 -10.20 -12.59
N LEU B 57 -9.28 -9.25 -11.75
CA LEU B 57 -8.37 -8.26 -11.18
C LEU B 57 -7.72 -8.68 -9.87
N VAL B 58 -8.09 -9.82 -9.31
CA VAL B 58 -7.56 -10.23 -8.01
C VAL B 58 -6.18 -10.80 -8.20
N LYS B 59 -5.17 -10.12 -7.66
CA LYS B 59 -3.77 -10.55 -7.79
C LYS B 59 -3.38 -11.55 -6.71
N SER B 60 -2.13 -11.95 -6.76
CA SER B 60 -1.57 -12.94 -5.83
C SER B 60 -2.20 -14.30 -6.10
N TYR B 61 -1.98 -15.24 -5.20
CA TYR B 61 -2.43 -16.63 -5.43
C TYR B 61 -3.17 -17.11 -4.20
N HIS B 62 -4.31 -17.75 -4.44
CA HIS B 62 -5.19 -18.13 -3.35
C HIS B 62 -5.78 -19.50 -3.59
N TRP B 63 -5.83 -20.32 -2.54
CA TRP B 63 -6.51 -21.59 -2.67
C TRP B 63 -7.94 -21.37 -3.12
N MET B 64 -8.37 -22.22 -4.06
CA MET B 64 -9.74 -22.25 -4.57
C MET B 64 -10.24 -23.71 -4.56
N GLY B 65 -11.50 -23.91 -4.91
CA GLY B 65 -12.17 -25.21 -4.69
C GLY B 65 -12.01 -26.24 -5.81
N LEU B 66 -10.85 -26.23 -6.46
CA LEU B 66 -10.59 -27.04 -7.64
C LEU B 66 -9.64 -28.17 -7.28
N VAL B 67 -10.05 -29.42 -7.52
CA VAL B 67 -9.30 -30.58 -7.09
C VAL B 67 -9.11 -31.62 -8.19
N GLN B 68 -7.96 -32.29 -8.15
CA GLN B 68 -7.59 -33.27 -9.17
C GLN B 68 -7.95 -34.68 -8.79
N ILE B 69 -8.35 -35.46 -9.80
CA ILE B 69 -8.37 -36.90 -9.74
C ILE B 69 -7.12 -37.41 -10.51
N PRO B 70 -6.05 -37.73 -9.79
CA PRO B 70 -4.80 -38.13 -10.46
C PRO B 70 -4.93 -39.35 -11.37
N ALA B 71 -5.87 -40.25 -11.10
CA ALA B 71 -6.03 -41.46 -11.90
C ALA B 71 -6.07 -41.21 -13.40
N ASN B 72 -6.79 -40.19 -13.82
CA ASN B 72 -6.73 -39.80 -15.23
C ASN B 72 -6.46 -38.31 -15.47
N GLY B 73 -6.02 -37.63 -14.43
CA GLY B 73 -5.61 -36.24 -14.54
C GLY B 73 -6.71 -35.21 -14.64
N SER B 74 -7.96 -35.61 -14.45
CA SER B 74 -9.08 -34.68 -14.58
C SER B 74 -9.24 -33.82 -13.31
N TRP B 75 -9.88 -32.67 -13.48
CA TRP B 75 -10.10 -31.71 -12.41
C TRP B 75 -11.58 -31.44 -12.27
N GLN B 76 -12.02 -31.27 -11.02
CA GLN B 76 -13.41 -30.88 -10.77
C GLN B 76 -13.50 -29.96 -9.56
N TRP B 77 -14.65 -29.36 -9.38
CA TRP B 77 -14.91 -28.51 -8.20
C TRP B 77 -15.26 -29.39 -7.00
N GLU B 78 -15.12 -28.83 -5.81
CA GLU B 78 -15.53 -29.51 -4.58
C GLU B 78 -16.92 -30.08 -4.67
N ASP B 79 -17.83 -29.33 -5.30
CA ASP B 79 -19.24 -29.74 -5.37
C ASP B 79 -19.48 -30.89 -6.36
N GLY B 80 -18.43 -31.37 -7.01
CA GLY B 80 -18.56 -32.50 -7.92
C GLY B 80 -18.75 -32.11 -9.36
N SER B 81 -19.04 -30.84 -9.65
CA SER B 81 -19.19 -30.39 -11.03
C SER B 81 -17.83 -30.32 -11.71
N SER B 82 -17.80 -30.51 -13.02
CA SER B 82 -16.52 -30.57 -13.73
C SER B 82 -15.91 -29.18 -13.97
N LEU B 83 -14.59 -29.12 -14.09
CA LEU B 83 -13.93 -27.92 -14.56
C LEU B 83 -14.30 -27.73 -16.02
N SER B 84 -14.72 -26.52 -16.38
CA SER B 84 -15.03 -26.21 -17.77
C SER B 84 -14.02 -25.23 -18.33
N TYR B 85 -13.67 -25.43 -19.60
CA TYR B 85 -12.65 -24.62 -20.26
C TYR B 85 -13.03 -23.15 -20.30
N ASN B 86 -14.33 -22.86 -20.30
CA ASN B 86 -14.80 -21.48 -20.34
C ASN B 86 -14.92 -20.84 -18.97
N GLN B 87 -14.61 -21.58 -17.90
CA GLN B 87 -14.59 -20.99 -16.56
C GLN B 87 -13.20 -20.43 -16.22
N LEU B 88 -12.16 -21.20 -16.48
CA LEU B 88 -10.79 -20.76 -16.23
C LEU B 88 -9.79 -21.55 -17.06
N THR B 89 -8.58 -21.00 -17.17
CA THR B 89 -7.45 -21.68 -17.78
C THR B 89 -6.55 -22.24 -16.69
N LEU B 90 -6.41 -23.56 -16.66
CA LEU B 90 -5.59 -24.24 -15.65
C LEU B 90 -4.18 -24.49 -16.18
N VAL B 91 -3.18 -23.96 -15.49
CA VAL B 91 -1.78 -24.14 -15.83
C VAL B 91 -1.28 -25.30 -14.96
N GLU B 92 -1.00 -26.43 -15.60
CA GLU B 92 -0.66 -27.66 -14.88
C GLU B 92 0.84 -27.77 -14.69
N ILE B 93 1.22 -27.97 -13.43
CA ILE B 93 2.60 -28.20 -12.98
C ILE B 93 2.65 -29.65 -12.52
N PRO B 94 3.51 -30.49 -13.11
CA PRO B 94 3.47 -31.95 -12.98
C PRO B 94 3.05 -32.52 -11.62
N LYS B 95 3.55 -31.94 -10.52
CA LYS B 95 3.22 -32.44 -9.18
C LYS B 95 2.25 -31.49 -8.49
N GLY B 96 1.12 -32.03 -8.02
CA GLY B 96 0.15 -31.22 -7.28
C GLY B 96 -1.28 -31.56 -7.66
N SER B 97 -2.13 -31.76 -6.67
CA SER B 97 -3.52 -32.16 -6.92
C SER B 97 -4.54 -31.12 -6.42
N CYS B 98 -4.03 -29.93 -6.10
CA CYS B 98 -4.84 -28.78 -5.77
C CYS B 98 -4.42 -27.63 -6.69
N ALA B 99 -5.16 -26.52 -6.62
CA ALA B 99 -4.90 -25.40 -7.49
C ALA B 99 -5.14 -24.08 -6.79
N VAL B 100 -4.28 -23.12 -7.08
CA VAL B 100 -4.48 -21.74 -6.65
C VAL B 100 -5.07 -20.91 -7.79
N TYR B 101 -6.00 -20.03 -7.44
CA TYR B 101 -6.45 -18.96 -8.33
C TYR B 101 -5.33 -17.93 -8.48
N GLY B 102 -5.08 -17.47 -9.71
CA GLY B 102 -3.94 -16.57 -9.98
C GLY B 102 -4.22 -15.40 -10.91
N SER B 103 -5.41 -14.83 -10.78
CA SER B 103 -5.89 -13.67 -11.57
C SER B 103 -6.20 -14.05 -13.00
N SER B 104 -6.93 -13.17 -13.67
CA SER B 104 -7.27 -13.33 -15.09
C SER B 104 -7.88 -14.68 -15.41
N PHE B 105 -8.66 -15.23 -14.49
CA PHE B 105 -9.30 -16.53 -14.69
C PHE B 105 -8.27 -17.58 -15.09
N LYS B 106 -7.17 -17.61 -14.34
CA LYS B 106 -6.16 -18.62 -14.47
C LYS B 106 -5.99 -19.29 -13.13
N ALA B 107 -5.72 -20.59 -13.17
CA ALA B 107 -5.35 -21.30 -11.98
C ALA B 107 -4.09 -22.10 -12.21
N TYR B 108 -3.35 -22.34 -11.14
CA TYR B 108 -2.06 -23.00 -11.20
C TYR B 108 -2.10 -24.17 -10.24
N THR B 109 -1.70 -25.33 -10.72
CA THR B 109 -1.69 -26.50 -9.89
C THR B 109 -0.58 -26.35 -8.86
N GLU B 110 -0.84 -26.87 -7.67
CA GLU B 110 -0.03 -26.59 -6.51
C GLU B 110 -0.16 -27.77 -5.54
N ASP B 111 0.93 -28.12 -4.86
CA ASP B 111 0.92 -29.15 -3.82
C ASP B 111 -0.08 -28.74 -2.74
N CYS B 112 -1.06 -29.61 -2.47
CA CYS B 112 -2.11 -29.38 -1.47
C CYS B 112 -1.61 -29.05 -0.07
N ALA B 113 -0.41 -29.51 0.26
CA ALA B 113 0.23 -29.21 1.54
C ALA B 113 0.84 -27.80 1.64
N ASN B 114 0.96 -27.08 0.52
CA ASN B 114 1.49 -25.72 0.54
C ASN B 114 0.60 -24.75 1.32
N LEU B 115 1.23 -23.78 1.97
CA LEU B 115 0.49 -22.75 2.67
C LEU B 115 0.17 -21.62 1.66
N ASN B 116 -1.11 -21.27 1.55
CA ASN B 116 -1.52 -20.13 0.75
C ASN B 116 -2.62 -19.39 1.45
N THR B 117 -2.79 -18.12 1.07
CA THR B 117 -4.00 -17.40 1.37
C THR B 117 -5.12 -18.10 0.62
N TYR B 118 -6.36 -17.78 0.94
CA TYR B 118 -7.49 -18.50 0.36
C TYR B 118 -8.70 -17.60 0.26
N ILE B 119 -9.62 -17.99 -0.61
CA ILE B 119 -10.82 -17.22 -0.86
C ILE B 119 -12.03 -18.13 -0.64
N CYS B 120 -12.93 -17.71 0.24
CA CYS B 120 -14.18 -18.44 0.44
C CYS B 120 -15.28 -17.75 -0.34
N MET B 121 -16.27 -18.53 -0.73
CA MET B 121 -17.41 -18.04 -1.46
C MET B 121 -18.69 -18.75 -1.04
N LYS B 122 -19.77 -17.96 -0.90
CA LYS B 122 -21.15 -18.46 -0.78
C LYS B 122 -21.92 -18.03 -2.02
N ARG B 123 -22.35 -18.99 -2.82
CA ARG B 123 -23.10 -18.73 -4.04
C ARG B 123 -24.47 -18.17 -3.69
N ALA B 124 -24.94 -17.22 -4.50
CA ALA B 124 -26.29 -16.67 -4.36
C ALA B 124 -27.33 -17.79 -4.44
N VAL B 125 -28.37 -17.66 -3.62
CA VAL B 125 -29.47 -18.64 -3.61
C VAL B 125 -30.69 -18.05 -4.29
N HIS C 3 21.40 -20.80 -28.30
CA HIS C 3 21.52 -20.44 -26.87
C HIS C 3 20.17 -20.64 -26.18
N SER C 4 19.91 -19.85 -25.14
CA SER C 4 18.65 -19.92 -24.40
C SER C 4 17.71 -18.79 -24.84
N LEU C 5 16.51 -18.76 -24.26
CA LEU C 5 15.66 -17.58 -24.36
C LEU C 5 15.99 -16.69 -23.17
N ARG C 6 16.31 -15.43 -23.45
CA ARG C 6 16.73 -14.49 -22.41
C ARG C 6 15.83 -13.28 -22.42
N CYS C 7 15.30 -12.91 -21.25
CA CYS C 7 14.53 -11.69 -21.11
C CYS C 7 15.26 -10.79 -20.13
N ASN C 8 15.55 -9.57 -20.60
CA ASN C 8 16.17 -8.55 -19.79
C ASN C 8 15.11 -7.53 -19.42
N LEU C 9 14.90 -7.34 -18.12
CA LEU C 9 13.94 -6.36 -17.61
C LEU C 9 14.69 -5.24 -16.92
N THR C 10 14.22 -4.01 -17.17
CA THR C 10 14.70 -2.84 -16.47
C THR C 10 13.51 -2.14 -15.81
N ILE C 11 13.63 -1.84 -14.53
CA ILE C 11 12.68 -1.04 -13.79
C ILE C 11 13.42 0.19 -13.28
N LYS C 12 12.94 1.37 -13.62
CA LYS C 12 13.58 2.60 -13.17
C LYS C 12 12.57 3.71 -12.90
N ASP C 13 13.04 4.79 -12.29
CA ASP C 13 12.24 5.98 -12.08
C ASP C 13 12.12 6.76 -13.39
N PRO C 14 10.89 7.09 -13.80
CA PRO C 14 10.77 7.97 -14.97
C PRO C 14 11.22 9.40 -14.67
N THR C 15 11.65 10.11 -15.71
CA THR C 15 12.07 11.50 -15.60
C THR C 15 11.43 12.29 -16.75
N PRO C 16 11.47 13.64 -16.67
CA PRO C 16 11.02 14.42 -17.82
C PRO C 16 11.76 14.09 -19.13
N ALA C 17 13.03 13.74 -19.04
CA ALA C 17 13.83 13.37 -20.22
C ALA C 17 13.45 11.98 -20.76
N ASP C 18 12.99 11.09 -19.90
CA ASP C 18 12.60 9.75 -20.32
C ASP C 18 11.56 9.17 -19.37
N PRO C 19 10.29 9.13 -19.79
CA PRO C 19 9.18 8.68 -18.94
C PRO C 19 9.04 7.17 -18.81
N LEU C 20 9.95 6.41 -19.43
CA LEU C 20 9.94 4.95 -19.31
C LEU C 20 10.24 4.57 -17.87
N TRP C 21 9.38 3.73 -17.29
CA TRP C 21 9.65 3.14 -15.98
C TRP C 21 9.94 1.63 -16.05
N TYR C 22 9.48 0.96 -17.09
CA TYR C 22 9.91 -0.42 -17.36
C TYR C 22 10.18 -0.66 -18.81
N GLU C 23 11.12 -1.57 -19.07
CA GLU C 23 11.40 -2.07 -20.39
C GLU C 23 11.68 -3.56 -20.31
N ALA C 24 11.17 -4.32 -21.28
CA ALA C 24 11.43 -5.75 -21.37
C ALA C 24 11.88 -6.08 -22.78
N LYS C 25 13.01 -6.76 -22.89
CA LYS C 25 13.56 -7.18 -24.17
C LYS C 25 13.91 -8.66 -24.07
N CYS C 26 13.21 -9.49 -24.85
CA CYS C 26 13.49 -10.93 -24.89
C CYS C 26 14.21 -11.30 -26.18
N PHE C 27 15.31 -12.03 -26.03
CA PHE C 27 16.17 -12.43 -27.14
C PHE C 27 16.28 -13.94 -27.22
N VAL C 28 16.56 -14.42 -28.43
CA VAL C 28 17.08 -15.76 -28.64
C VAL C 28 18.35 -15.58 -29.48
N GLY C 29 19.51 -15.65 -28.83
CA GLY C 29 20.77 -15.30 -29.46
C GLY C 29 20.82 -13.80 -29.73
N GLU C 30 20.92 -13.44 -30.99
CA GLU C 30 20.95 -12.05 -31.42
C GLU C 30 19.56 -11.51 -31.77
N ILE C 31 18.63 -12.40 -32.10
CA ILE C 31 17.30 -12.00 -32.56
C ILE C 31 16.45 -11.46 -31.41
N LEU C 32 16.05 -10.20 -31.51
CA LEU C 32 15.07 -9.64 -30.60
C LEU C 32 13.70 -10.16 -31.01
N ILE C 33 12.96 -10.72 -30.05
CA ILE C 33 11.65 -11.31 -30.36
C ILE C 33 10.48 -10.74 -29.58
N LEU C 34 10.76 -9.92 -28.57
CA LEU C 34 9.71 -9.23 -27.84
C LEU C 34 10.29 -7.99 -27.18
N HIS C 35 9.58 -6.88 -27.33
CA HIS C 35 10.00 -5.60 -26.77
C HIS C 35 8.78 -4.94 -26.16
N LEU C 36 8.81 -4.73 -24.84
CA LEU C 36 7.73 -4.09 -24.13
C LEU C 36 8.23 -2.90 -23.32
N SER C 37 7.35 -1.91 -23.13
CA SER C 37 7.59 -0.79 -22.22
C SER C 37 6.28 -0.05 -22.01
N ASN C 38 6.24 0.81 -20.98
CA ASN C 38 5.06 1.63 -20.73
C ASN C 38 4.81 2.69 -21.81
N ILE C 39 5.83 2.97 -22.63
CA ILE C 39 5.69 3.93 -23.74
C ILE C 39 4.90 3.35 -24.91
N ASN C 40 4.00 4.17 -25.48
CA ASN C 40 3.18 3.82 -26.64
C ASN C 40 2.24 2.65 -26.38
N ALA C 54 6.92 -16.43 -33.66
CA ALA C 54 7.13 -15.71 -32.40
C ALA C 54 5.82 -15.17 -31.81
N THR C 55 4.74 -15.22 -32.59
CA THR C 55 3.44 -14.68 -32.17
C THR C 55 2.90 -15.33 -30.89
N GLU C 56 2.95 -16.65 -30.84
CA GLU C 56 2.41 -17.40 -29.68
C GLU C 56 3.22 -17.18 -28.43
N VAL C 57 4.55 -17.13 -28.56
CA VAL C 57 5.43 -16.94 -27.40
C VAL C 57 5.37 -15.50 -26.92
N LYS C 58 5.28 -14.56 -27.85
CA LYS C 58 5.07 -13.17 -27.51
C LYS C 58 3.74 -13.02 -26.75
N LYS C 59 2.70 -13.69 -27.24
CA LYS C 59 1.38 -13.67 -26.60
C LYS C 59 1.43 -14.23 -25.18
N CYS C 60 2.08 -15.39 -25.02
CA CYS C 60 2.20 -16.03 -23.69
C CYS C 60 2.94 -15.15 -22.70
N LEU C 61 4.04 -14.54 -23.15
CA LEU C 61 4.92 -13.80 -22.24
C LEU C 61 4.43 -12.42 -21.86
N THR C 62 3.65 -11.77 -22.73
CA THR C 62 3.38 -10.34 -22.59
C THR C 62 2.75 -9.96 -21.26
N GLN C 63 1.55 -10.46 -20.96
CA GLN C 63 0.87 -10.03 -19.73
C GLN C 63 1.59 -10.48 -18.46
N PRO C 64 2.09 -11.72 -18.41
CA PRO C 64 2.87 -12.13 -17.24
C PRO C 64 4.08 -11.24 -16.97
N LEU C 65 4.80 -10.82 -18.01
CA LEU C 65 5.94 -9.92 -17.84
C LEU C 65 5.51 -8.52 -17.38
N LYS C 66 4.44 -8.00 -17.97
CA LYS C 66 3.88 -6.70 -17.55
C LYS C 66 3.47 -6.77 -16.09
N ASN C 67 2.80 -7.86 -15.72
CA ASN C 67 2.36 -8.06 -14.35
C ASN C 67 3.56 -8.15 -13.42
N LEU C 68 4.61 -8.87 -13.84
CA LEU C 68 5.82 -8.95 -13.05
C LEU C 68 6.52 -7.60 -12.89
N CYS C 69 6.58 -6.82 -13.95
CA CYS C 69 7.21 -5.49 -13.87
C CYS C 69 6.48 -4.56 -12.91
N GLN C 70 5.16 -4.67 -12.87
CA GLN C 70 4.34 -3.91 -11.94
C GLN C 70 4.64 -4.32 -10.50
N LYS C 71 4.74 -5.62 -10.24
CA LYS C 71 5.16 -6.12 -8.92
C LYS C 71 6.57 -5.62 -8.54
N LEU C 72 7.52 -5.72 -9.49
CA LEU C 72 8.90 -5.31 -9.22
C LEU C 72 8.97 -3.82 -8.89
N ARG C 73 8.17 -3.01 -9.59
CA ARG C 73 8.07 -1.58 -9.31
C ARG C 73 7.66 -1.33 -7.87
N ASN C 74 6.67 -2.08 -7.40
CA ASN C 74 6.19 -1.91 -6.03
C ASN C 74 7.28 -2.34 -5.05
N LYS C 75 7.94 -3.45 -5.34
CA LYS C 75 9.03 -3.95 -4.48
C LYS C 75 10.16 -2.92 -4.39
N VAL C 76 10.57 -2.38 -5.53
CA VAL C 76 11.63 -1.37 -5.58
C VAL C 76 11.23 -0.13 -4.77
N SER C 77 9.98 0.29 -4.88
CA SER C 77 9.45 1.44 -4.13
C SER C 77 9.58 1.28 -2.61
N ASN C 78 9.58 0.03 -2.13
CA ASN C 78 9.71 -0.27 -0.69
C ASN C 78 11.11 -0.71 -0.25
N THR C 79 12.13 -0.47 -1.09
CA THR C 79 13.46 -1.04 -0.87
C THR C 79 14.45 0.08 -0.57
N TYR C 89 13.63 5.54 -6.06
CA TYR C 89 15.05 5.75 -6.25
C TYR C 89 15.70 4.57 -6.98
N PRO C 90 15.65 3.36 -6.41
CA PRO C 90 16.54 2.32 -6.95
C PRO C 90 16.20 1.85 -8.37
N HIS C 91 17.25 1.54 -9.13
CA HIS C 91 17.17 1.08 -10.50
C HIS C 91 17.27 -0.41 -10.35
N LEU C 92 16.51 -1.14 -11.13
CA LEU C 92 16.56 -2.60 -11.10
C LEU C 92 16.70 -3.21 -12.49
N GLN C 93 17.64 -4.14 -12.59
CA GLN C 93 17.80 -4.95 -13.81
CA GLN C 93 17.80 -4.95 -13.80
C GLN C 93 17.59 -6.41 -13.43
N VAL C 94 16.78 -7.12 -14.24
CA VAL C 94 16.49 -8.53 -14.03
C VAL C 94 16.77 -9.27 -15.33
N THR C 95 17.49 -10.40 -15.22
CA THR C 95 17.71 -11.25 -16.36
C THR C 95 17.07 -12.62 -16.10
N MET C 96 16.20 -13.03 -17.01
CA MET C 96 15.66 -14.38 -16.98
C MET C 96 16.33 -15.19 -18.09
N ILE C 97 16.77 -16.39 -17.74
CA ILE C 97 17.39 -17.28 -18.71
C ILE C 97 16.64 -18.60 -18.72
N TYR C 98 16.05 -18.93 -19.87
CA TYR C 98 15.31 -20.18 -20.04
C TYR C 98 15.94 -21.05 -21.13
N PRO C 99 16.60 -22.17 -20.73
CA PRO C 99 17.06 -23.14 -21.72
C PRO C 99 15.92 -24.03 -22.20
N GLN C 100 16.07 -24.60 -23.38
CA GLN C 100 15.13 -25.61 -23.87
C GLN C 100 15.13 -26.82 -22.93
N SER C 101 13.93 -27.24 -22.51
CA SER C 101 13.75 -28.28 -21.48
C SER C 101 14.32 -29.64 -21.87
N GLN C 102 14.09 -30.06 -23.11
CA GLN C 102 14.42 -31.43 -23.55
C GLN C 102 13.43 -32.40 -22.87
N GLY C 103 13.92 -33.43 -22.19
CA GLY C 103 13.04 -34.32 -21.40
C GLY C 103 12.87 -33.88 -19.96
N ARG C 104 13.55 -32.81 -19.56
CA ARG C 104 13.56 -32.36 -18.17
C ARG C 104 12.35 -31.48 -17.86
N THR C 105 12.03 -31.36 -16.57
CA THR C 105 11.02 -30.41 -16.11
C THR C 105 11.54 -28.99 -16.36
N PRO C 106 10.70 -28.12 -16.95
CA PRO C 106 11.16 -26.80 -17.38
C PRO C 106 11.67 -25.93 -16.24
N SER C 107 12.84 -25.32 -16.42
CA SER C 107 13.46 -24.50 -15.39
C SER C 107 14.09 -23.23 -15.96
N ALA C 108 14.26 -22.25 -15.08
CA ALA C 108 14.87 -20.98 -15.46
C ALA C 108 15.70 -20.42 -14.32
N THR C 109 16.58 -19.51 -14.68
CA THR C 109 17.35 -18.71 -13.73
C THR C 109 16.90 -17.25 -13.81
N TRP C 110 16.65 -16.66 -12.65
CA TRP C 110 16.32 -15.24 -12.53
C TRP C 110 17.44 -14.51 -11.79
N GLU C 111 18.10 -13.60 -12.47
CA GLU C 111 19.20 -12.83 -11.90
C GLU C 111 18.72 -11.39 -11.62
N PHE C 112 19.02 -10.91 -10.42
CA PHE C 112 18.59 -9.58 -9.98
C PHE C 112 19.79 -8.70 -9.68
N ASN C 113 19.72 -7.46 -10.16
CA ASN C 113 20.70 -6.44 -9.89
C ASN C 113 19.99 -5.15 -9.44
N ILE C 114 20.10 -4.84 -8.15
CA ILE C 114 19.56 -3.59 -7.62
C ILE C 114 20.62 -2.50 -7.57
N SER C 115 20.47 -1.50 -8.42
CA SER C 115 21.31 -0.31 -8.46
C SER C 115 22.81 -0.60 -8.53
N ASP C 116 23.20 -1.69 -9.20
CA ASP C 116 24.61 -2.08 -9.31
C ASP C 116 25.27 -2.27 -7.95
N SER C 117 24.47 -2.65 -6.96
CA SER C 117 24.93 -2.75 -5.58
C SER C 117 24.62 -4.10 -4.97
N TYR C 118 23.42 -4.61 -5.24
CA TYR C 118 22.99 -5.87 -4.65
C TYR C 118 22.59 -6.85 -5.74
N PHE C 119 23.11 -8.07 -5.61
CA PHE C 119 22.95 -9.11 -6.64
C PHE C 119 22.55 -10.43 -6.00
N PHE C 120 21.53 -11.06 -6.57
CA PHE C 120 21.11 -12.38 -6.15
C PHE C 120 20.35 -13.10 -7.26
N THR C 121 20.25 -14.43 -7.14
CA THR C 121 19.70 -15.28 -8.18
C THR C 121 18.68 -16.27 -7.60
N PHE C 122 17.61 -16.50 -8.34
CA PHE C 122 16.60 -17.51 -8.01
C PHE C 122 16.59 -18.59 -9.08
N TYR C 123 16.55 -19.85 -8.66
CA TYR C 123 16.47 -20.99 -9.57
C TYR C 123 15.11 -21.68 -9.39
N THR C 124 14.30 -21.68 -10.45
CA THR C 124 12.91 -22.11 -10.32
C THR C 124 12.76 -23.62 -10.09
N GLU C 125 13.70 -24.38 -10.64
CA GLU C 125 13.62 -25.84 -10.61
C GLU C 125 13.36 -26.37 -9.20
N ASN C 126 14.20 -25.98 -8.25
CA ASN C 126 14.03 -26.39 -6.86
C ASN C 126 13.72 -25.22 -5.94
N MET C 127 13.30 -24.10 -6.52
CA MET C 127 12.91 -22.93 -5.74
C MET C 127 14.02 -22.51 -4.77
N SER C 128 15.25 -22.43 -5.28
CA SER C 128 16.42 -22.14 -4.45
C SER C 128 17.04 -20.79 -4.81
N TRP C 129 17.84 -20.26 -3.90
CA TRP C 129 18.37 -18.89 -4.00
C TRP C 129 19.88 -18.84 -3.74
N ARG C 130 20.52 -17.83 -4.32
CA ARG C 130 21.95 -17.54 -4.08
C ARG C 130 22.18 -16.04 -4.10
N SER C 131 22.87 -15.51 -3.09
CA SER C 131 23.22 -14.09 -3.05
C SER C 131 24.73 -13.92 -3.26
N ALA C 132 25.13 -12.77 -3.81
CA ALA C 132 26.53 -12.46 -4.05
C ALA C 132 27.29 -12.17 -2.75
N ASN C 133 26.59 -11.67 -1.75
CA ASN C 133 27.19 -11.32 -0.46
C ASN C 133 26.10 -11.21 0.59
N ASP C 134 26.49 -11.03 1.85
CA ASP C 134 25.50 -10.97 2.94
C ASP C 134 24.58 -9.75 2.85
N GLU C 135 25.09 -8.63 2.36
CA GLU C 135 24.28 -7.43 2.19
C GLU C 135 23.20 -7.65 1.14
N SER C 136 23.58 -8.35 0.07
CA SER C 136 22.61 -8.74 -0.96
C SER C 136 21.64 -9.76 -0.40
N GLY C 137 22.16 -10.67 0.42
CA GLY C 137 21.36 -11.69 1.09
C GLY C 137 20.26 -11.13 1.97
N VAL C 138 20.52 -10.01 2.64
CA VAL C 138 19.50 -9.36 3.48
C VAL C 138 18.31 -8.90 2.63
N ILE C 139 18.60 -8.23 1.52
CA ILE C 139 17.54 -7.76 0.63
C ILE C 139 16.83 -8.93 -0.05
N MET C 140 17.62 -9.90 -0.52
CA MET C 140 17.09 -11.13 -1.11
C MET C 140 16.11 -11.81 -0.16
N ASN C 141 16.49 -11.93 1.10
CA ASN C 141 15.64 -12.59 2.10
C ASN C 141 14.32 -11.84 2.31
N LYS C 142 14.39 -10.52 2.33
CA LYS C 142 13.19 -9.67 2.36
C LYS C 142 12.29 -9.88 1.14
N TRP C 143 12.90 -9.90 -0.05
CA TRP C 143 12.15 -10.08 -1.28
C TRP C 143 11.48 -11.44 -1.37
N LYS C 144 12.21 -12.50 -1.03
CA LYS C 144 11.64 -13.84 -1.16
C LYS C 144 10.59 -14.18 -0.09
N ASP C 145 10.45 -13.35 0.95
CA ASP C 145 9.32 -13.48 1.90
C ASP C 145 7.97 -13.20 1.24
N ASP C 146 8.01 -12.53 0.08
CA ASP C 146 6.82 -12.19 -0.68
C ASP C 146 6.43 -13.39 -1.53
N GLY C 147 5.50 -14.18 -1.02
CA GLY C 147 5.08 -15.43 -1.67
C GLY C 147 4.55 -15.25 -3.07
N GLU C 148 3.83 -14.14 -3.30
CA GLU C 148 3.30 -13.82 -4.63
C GLU C 148 4.43 -13.63 -5.61
N PHE C 149 5.42 -12.84 -5.19
CA PHE C 149 6.56 -12.52 -6.04
C PHE C 149 7.26 -13.79 -6.49
N VAL C 150 7.53 -14.68 -5.53
CA VAL C 150 8.23 -15.92 -5.85
C VAL C 150 7.39 -16.82 -6.77
N LYS C 151 6.10 -16.94 -6.48
CA LYS C 151 5.19 -17.65 -7.39
C LYS C 151 5.20 -17.11 -8.81
N GLN C 152 5.19 -15.78 -8.97
CA GLN C 152 5.23 -15.18 -10.31
C GLN C 152 6.44 -15.59 -11.12
N LEU C 153 7.60 -15.67 -10.46
CA LEU C 153 8.84 -16.09 -11.11
C LEU C 153 8.76 -17.54 -11.57
N LYS C 154 8.23 -18.41 -10.71
CA LYS C 154 8.07 -19.82 -11.05
C LYS C 154 6.97 -20.05 -12.08
N PHE C 155 5.82 -19.44 -11.83
CA PHE C 155 4.61 -19.69 -12.61
C PHE C 155 4.75 -19.22 -14.06
N LEU C 156 5.43 -18.10 -14.28
CA LEU C 156 5.69 -17.61 -15.63
C LEU C 156 6.34 -18.68 -16.50
N ILE C 157 7.29 -19.40 -15.91
CA ILE C 157 8.02 -20.46 -16.61
C ILE C 157 7.09 -21.61 -17.00
N HIS C 158 6.31 -22.11 -16.05
CA HIS C 158 5.37 -23.20 -16.35
C HIS C 158 4.26 -22.80 -17.32
N GLU C 159 3.82 -21.55 -17.22
CA GLU C 159 2.78 -21.05 -18.12
C GLU C 159 3.25 -20.99 -19.58
N CYS C 160 4.52 -20.65 -19.80
CA CYS C 160 5.03 -20.44 -21.16
C CYS C 160 6.13 -21.43 -21.61
N SER C 161 6.45 -22.39 -20.76
CA SER C 161 7.50 -23.37 -21.05
C SER C 161 7.32 -24.05 -22.42
N GLN C 162 6.13 -24.57 -22.68
CA GLN C 162 5.87 -25.32 -23.90
C GLN C 162 6.07 -24.44 -25.13
N LYS C 163 5.53 -23.24 -25.09
CA LYS C 163 5.63 -22.33 -26.22
C LYS C 163 7.04 -21.79 -26.40
N MET C 164 7.77 -21.63 -25.30
CA MET C 164 9.19 -21.27 -25.36
C MET C 164 10.01 -22.43 -25.96
N ASP C 165 9.76 -23.65 -25.50
CA ASP C 165 10.40 -24.85 -26.07
C ASP C 165 10.13 -24.96 -27.57
N GLU C 166 8.85 -24.90 -27.93
CA GLU C 166 8.41 -24.93 -29.32
C GLU C 166 9.18 -23.92 -30.18
N PHE C 167 9.29 -22.68 -29.69
CA PHE C 167 9.99 -21.63 -30.44
C PHE C 167 11.48 -21.89 -30.55
N LEU C 168 12.11 -22.28 -29.44
CA LEU C 168 13.53 -22.63 -29.44
C LEU C 168 13.84 -23.78 -30.38
N LYS C 169 12.86 -24.67 -30.58
CA LYS C 169 12.96 -25.73 -31.58
C LYS C 169 13.10 -25.16 -32.99
N GLN C 170 12.27 -24.16 -33.30
CA GLN C 170 12.34 -23.44 -34.58
C GLN C 170 13.71 -22.81 -34.79
N HIS D 3 -9.09 12.53 23.25
CA HIS D 3 -8.26 13.60 23.89
C HIS D 3 -7.62 14.52 22.85
N SER D 4 -6.68 15.35 23.29
CA SER D 4 -5.92 16.23 22.40
C SER D 4 -4.56 15.62 22.08
N LEU D 5 -3.80 16.30 21.24
CA LEU D 5 -2.38 16.01 21.10
C LEU D 5 -1.62 16.86 22.12
N ARG D 6 -0.81 16.21 22.95
CA ARG D 6 -0.09 16.89 24.00
C ARG D 6 1.40 16.66 23.86
N CYS D 7 2.18 17.73 23.86
CA CYS D 7 3.63 17.62 23.87
C CYS D 7 4.14 18.21 25.17
N ASN D 8 4.91 17.40 25.89
CA ASN D 8 5.54 17.81 27.13
C ASN D 8 7.02 18.00 26.85
N LEU D 9 7.49 19.23 27.05
CA LEU D 9 8.90 19.58 26.86
C LEU D 9 9.52 19.82 28.22
N THR D 10 10.74 19.33 28.41
CA THR D 10 11.53 19.55 29.60
C THR D 10 12.90 20.12 29.20
N ILE D 11 13.29 21.24 29.81
CA ILE D 11 14.63 21.80 29.67
C ILE D 11 15.28 21.75 31.05
N LYS D 12 16.45 21.13 31.14
CA LYS D 12 17.19 21.05 32.40
C LYS D 12 18.70 21.07 32.17
N ASP D 13 19.46 21.17 33.27
CA ASP D 13 20.92 21.17 33.22
C ASP D 13 21.44 19.75 33.08
N PRO D 14 22.34 19.53 32.10
CA PRO D 14 22.94 18.21 32.04
C PRO D 14 23.94 18.00 33.17
N THR D 15 24.12 16.73 33.53
CA THR D 15 25.06 16.31 34.57
C THR D 15 25.82 15.09 34.07
N PRO D 16 26.91 14.69 34.76
CA PRO D 16 27.57 13.44 34.40
C PRO D 16 26.63 12.22 34.47
N ALA D 17 25.66 12.24 35.38
CA ALA D 17 24.71 11.14 35.53
C ALA D 17 23.67 11.12 34.41
N ASP D 18 23.37 12.29 33.84
CA ASP D 18 22.38 12.39 32.78
C ASP D 18 22.67 13.63 31.93
N PRO D 19 23.27 13.42 30.75
CA PRO D 19 23.65 14.52 29.88
C PRO D 19 22.49 15.15 29.10
N LEU D 20 21.28 14.66 29.31
CA LEU D 20 20.08 15.22 28.68
C LEU D 20 19.87 16.65 29.18
N TRP D 21 19.73 17.59 28.23
CA TRP D 21 19.30 18.97 28.54
C TRP D 21 17.91 19.31 28.03
N TYR D 22 17.42 18.60 27.00
CA TYR D 22 16.01 18.69 26.64
C TYR D 22 15.42 17.32 26.34
N GLU D 23 14.13 17.20 26.62
CA GLU D 23 13.34 16.02 26.27
C GLU D 23 11.98 16.47 25.78
N ALA D 24 11.47 15.81 24.75
CA ALA D 24 10.13 16.09 24.25
C ALA D 24 9.40 14.77 24.11
N LYS D 25 8.21 14.72 24.69
CA LYS D 25 7.33 13.56 24.61
C LYS D 25 5.96 14.02 24.17
N CYS D 26 5.52 13.59 22.99
CA CYS D 26 4.19 13.92 22.50
C CYS D 26 3.27 12.70 22.59
N PHE D 27 2.10 12.91 23.20
CA PHE D 27 1.11 11.87 23.43
C PHE D 27 -0.22 12.20 22.75
N VAL D 28 -0.96 11.15 22.44
CA VAL D 28 -2.38 11.26 22.15
C VAL D 28 -3.07 10.26 23.09
N GLY D 29 -3.64 10.77 24.18
CA GLY D 29 -4.15 9.92 25.24
C GLY D 29 -3.01 9.23 25.95
N GLU D 30 -3.00 7.90 25.90
CA GLU D 30 -1.93 7.10 26.52
C GLU D 30 -0.80 6.77 25.53
N ILE D 31 -1.09 6.83 24.24
CA ILE D 31 -0.12 6.44 23.21
C ILE D 31 0.99 7.49 23.07
N LEU D 32 2.23 7.07 23.32
CA LEU D 32 3.40 7.90 23.03
C LEU D 32 3.64 7.87 21.52
N ILE D 33 3.71 9.05 20.92
CA ILE D 33 3.77 9.25 19.47
C ILE D 33 5.11 9.81 18.97
N LEU D 34 5.86 10.46 19.85
CA LEU D 34 7.13 11.08 19.50
C LEU D 34 7.95 11.25 20.77
N HIS D 35 9.23 10.91 20.69
CA HIS D 35 10.16 11.05 21.80
C HIS D 35 11.47 11.62 21.27
N LEU D 36 11.83 12.81 21.73
CA LEU D 36 13.06 13.46 21.29
C LEU D 36 13.90 13.85 22.49
N SER D 37 15.22 13.88 22.28
CA SER D 37 16.16 14.42 23.26
C SER D 37 17.52 14.60 22.58
N ASN D 38 18.39 15.38 23.21
CA ASN D 38 19.74 15.56 22.68
C ASN D 38 20.60 14.27 22.74
N ILE D 39 20.14 13.29 23.54
CA ILE D 39 20.80 11.99 23.70
C ILE D 39 19.99 10.87 23.06
N ALA D 54 1.77 7.86 12.20
CA ALA D 54 2.47 8.84 13.02
C ALA D 54 3.72 9.42 12.35
N THR D 55 4.16 8.81 11.24
CA THR D 55 5.38 9.24 10.54
C THR D 55 5.35 10.69 10.09
N GLU D 56 4.24 11.09 9.47
CA GLU D 56 4.11 12.45 8.91
C GLU D 56 4.01 13.53 9.99
N VAL D 57 3.31 13.23 11.09
CA VAL D 57 3.19 14.18 12.21
C VAL D 57 4.50 14.25 13.01
N LYS D 58 5.17 13.11 13.17
CA LYS D 58 6.49 13.08 13.78
C LYS D 58 7.47 13.92 12.95
N LYS D 59 7.40 13.77 11.63
CA LYS D 59 8.24 14.53 10.70
C LYS D 59 7.99 16.04 10.83
N CYS D 60 6.73 16.44 10.81
CA CYS D 60 6.36 17.86 10.92
C CYS D 60 6.86 18.48 12.22
N LEU D 61 6.67 17.76 13.32
CA LEU D 61 6.94 18.31 14.65
C LEU D 61 8.41 18.35 15.03
N THR D 62 9.22 17.45 14.48
CA THR D 62 10.56 17.22 15.00
C THR D 62 11.47 18.45 15.01
N GLN D 63 11.76 19.03 13.84
CA GLN D 63 12.67 20.19 13.80
C GLN D 63 12.13 21.44 14.49
N PRO D 64 10.85 21.77 14.30
CA PRO D 64 10.27 22.89 15.03
C PRO D 64 10.39 22.76 16.56
N LEU D 65 10.17 21.56 17.09
CA LEU D 65 10.31 21.34 18.54
C LEU D 65 11.76 21.45 19.01
N LYS D 66 12.69 20.89 18.24
CA LYS D 66 14.12 21.01 18.53
C LYS D 66 14.54 22.48 18.52
N ASN D 67 14.09 23.21 17.51
CA ASN D 67 14.38 24.63 17.41
C ASN D 67 13.79 25.40 18.59
N LEU D 68 12.57 25.05 18.98
CA LEU D 68 11.94 25.69 20.12
C LEU D 68 12.70 25.39 21.43
N CYS D 69 13.16 24.16 21.61
CA CYS D 69 13.89 23.80 22.83
C CYS D 69 15.20 24.58 22.96
N GLN D 70 15.84 24.87 21.84
CA GLN D 70 17.03 25.71 21.82
C GLN D 70 16.71 27.13 22.28
N LYS D 71 15.62 27.68 21.74
CA LYS D 71 15.17 29.01 22.15
C LYS D 71 14.79 29.06 23.64
N LEU D 72 14.08 28.05 24.11
CA LEU D 72 13.69 27.98 25.53
C LEU D 72 14.88 27.93 26.48
N ARG D 73 15.90 27.16 26.08
CA ARG D 73 17.16 27.12 26.81
C ARG D 73 17.74 28.53 26.98
N ASN D 74 17.71 29.32 25.90
CA ASN D 74 18.25 30.68 25.97
C ASN D 74 17.40 31.57 26.88
N LYS D 75 16.09 31.42 26.78
CA LYS D 75 15.17 32.16 27.65
C LYS D 75 15.40 31.81 29.13
N VAL D 76 15.54 30.52 29.42
CA VAL D 76 15.83 30.06 30.79
C VAL D 76 17.13 30.67 31.30
N SER D 77 18.15 30.71 30.45
CA SER D 77 19.45 31.29 30.80
C SER D 77 19.39 32.76 31.23
N ASN D 78 18.39 33.49 30.72
CA ASN D 78 18.21 34.91 31.04
C ASN D 78 17.11 35.21 32.06
N THR D 79 16.64 34.21 32.79
CA THR D 79 15.54 34.41 33.72
C THR D 79 16.03 34.45 35.18
N LYS D 80 15.53 35.42 35.94
CA LYS D 80 15.85 35.57 37.36
C LYS D 80 14.89 34.73 38.22
N VAL D 81 15.44 33.72 38.90
CA VAL D 81 14.64 32.79 39.71
C VAL D 81 14.86 33.04 41.21
N ASP D 82 13.87 32.66 42.02
CA ASP D 82 14.04 32.60 43.48
C ASP D 82 13.23 31.46 44.11
N THR D 83 13.87 30.30 44.25
CA THR D 83 13.25 29.13 44.92
C THR D 83 14.24 28.33 45.77
N HIS D 84 13.73 27.61 46.76
CA HIS D 84 14.54 26.77 47.64
C HIS D 84 14.58 25.34 47.13
N TYR D 89 17.29 21.62 41.80
CA TYR D 89 16.95 21.04 40.50
C TYR D 89 16.19 22.04 39.61
N PRO D 90 16.88 23.06 39.06
CA PRO D 90 16.17 23.96 38.13
C PRO D 90 15.69 23.19 36.91
N HIS D 91 14.55 23.59 36.38
CA HIS D 91 13.96 22.87 35.25
C HIS D 91 12.76 23.64 34.66
N LEU D 92 12.66 23.65 33.34
CA LEU D 92 11.51 24.25 32.66
C LEU D 92 10.69 23.10 32.11
N GLN D 93 9.39 23.13 32.40
CA GLN D 93 8.45 22.21 31.79
C GLN D 93 7.46 23.03 30.96
N VAL D 94 7.24 22.61 29.73
CA VAL D 94 6.29 23.26 28.83
C VAL D 94 5.33 22.21 28.33
N THR D 95 4.04 22.52 28.39
CA THR D 95 3.02 21.64 27.90
C THR D 95 2.30 22.35 26.76
N MET D 96 2.28 21.71 25.60
CA MET D 96 1.48 22.17 24.48
C MET D 96 0.28 21.25 24.34
N ILE D 97 -0.90 21.86 24.23
CA ILE D 97 -2.13 21.10 24.08
C ILE D 97 -2.81 21.55 22.79
N TYR D 98 -2.95 20.61 21.86
CA TYR D 98 -3.61 20.88 20.58
C TYR D 98 -4.84 19.99 20.40
N PRO D 99 -6.05 20.59 20.50
CA PRO D 99 -7.26 19.85 20.14
C PRO D 99 -7.46 19.79 18.63
N GLN D 100 -8.21 18.79 18.17
CA GLN D 100 -8.60 18.71 16.77
C GLN D 100 -9.44 19.92 16.40
N SER D 101 -9.06 20.59 15.31
CA SER D 101 -9.66 21.87 14.89
C SER D 101 -11.17 21.77 14.61
N GLN D 102 -11.58 20.68 13.95
CA GLN D 102 -12.98 20.40 13.57
C GLN D 102 -13.88 21.64 13.55
N THR D 105 -10.53 27.41 12.98
CA THR D 105 -9.13 27.81 12.85
C THR D 105 -8.25 27.17 13.96
N PRO D 106 -7.14 26.52 13.56
CA PRO D 106 -6.36 25.70 14.51
C PRO D 106 -5.75 26.49 15.66
N SER D 107 -5.92 26.00 16.88
CA SER D 107 -5.43 26.68 18.08
C SER D 107 -4.80 25.73 19.09
N ALA D 108 -3.94 26.29 19.95
CA ALA D 108 -3.28 25.52 20.99
C ALA D 108 -3.09 26.35 22.25
N THR D 109 -2.86 25.65 23.35
CA THR D 109 -2.49 26.24 24.62
C THR D 109 -1.05 25.84 24.93
N TRP D 110 -0.22 26.83 25.30
CA TRP D 110 1.15 26.59 25.76
C TRP D 110 1.24 26.95 27.24
N GLU D 111 1.51 25.94 28.07
CA GLU D 111 1.65 26.13 29.51
C GLU D 111 3.10 26.09 29.88
N PHE D 112 3.54 27.05 30.67
CA PHE D 112 4.93 27.15 31.10
C PHE D 112 5.01 27.02 32.61
N ASN D 113 5.95 26.20 33.05
CA ASN D 113 6.26 26.01 34.45
C ASN D 113 7.76 26.12 34.67
N ILE D 114 8.20 27.23 35.25
CA ILE D 114 9.61 27.43 35.54
C ILE D 114 9.88 26.99 36.97
N SER D 115 10.57 25.85 37.09
CA SER D 115 11.06 25.30 38.36
C SER D 115 10.02 25.16 39.45
N ASP D 116 8.78 24.85 39.06
CA ASP D 116 7.66 24.72 39.99
C ASP D 116 7.45 26.01 40.82
N SER D 117 7.80 27.15 40.24
CA SER D 117 7.76 28.43 40.93
C SER D 117 6.97 29.49 40.17
N TYR D 118 7.14 29.54 38.86
CA TYR D 118 6.45 30.52 38.02
C TYR D 118 5.65 29.83 36.92
N PHE D 119 4.41 30.26 36.75
CA PHE D 119 3.46 29.62 35.84
C PHE D 119 2.72 30.66 35.02
N PHE D 120 2.66 30.42 33.72
CA PHE D 120 1.90 31.26 32.81
C PHE D 120 1.55 30.49 31.53
N THR D 121 0.54 30.99 30.83
CA THR D 121 -0.04 30.30 29.70
C THR D 121 -0.22 31.25 28.53
N PHE D 122 0.05 30.75 27.32
CA PHE D 122 -0.19 31.48 26.07
C PHE D 122 -1.25 30.75 25.27
N TYR D 123 -2.23 31.49 24.77
CA TYR D 123 -3.29 30.93 23.93
C TYR D 123 -3.12 31.47 22.50
N THR D 124 -2.83 30.59 21.54
CA THR D 124 -2.45 31.02 20.20
C THR D 124 -3.65 31.61 19.47
N GLU D 125 -4.85 31.11 19.77
CA GLU D 125 -6.09 31.48 19.11
C GLU D 125 -6.26 33.00 19.02
N ASN D 126 -6.17 33.66 20.17
CA ASN D 126 -6.30 35.11 20.25
C ASN D 126 -4.99 35.79 20.67
N MET D 127 -3.87 35.05 20.62
CA MET D 127 -2.56 35.59 20.99
C MET D 127 -2.60 36.26 22.38
N SER D 128 -3.23 35.58 23.34
CA SER D 128 -3.44 36.14 24.68
C SER D 128 -2.67 35.35 25.73
N TRP D 129 -2.47 35.97 26.89
CA TRP D 129 -1.63 35.42 27.94
C TRP D 129 -2.32 35.48 29.30
N ARG D 130 -1.94 34.56 30.17
CA ARG D 130 -2.43 34.53 31.55
C ARG D 130 -1.33 34.06 32.47
N SER D 131 -1.08 34.80 33.55
CA SER D 131 -0.10 34.40 34.56
C SER D 131 -0.81 33.97 35.84
N ALA D 132 -0.19 33.09 36.60
CA ALA D 132 -0.75 32.59 37.85
C ALA D 132 -0.69 33.63 38.96
N ASN D 133 0.29 34.54 38.88
CA ASN D 133 0.48 35.58 39.88
C ASN D 133 1.36 36.68 39.28
N ASP D 134 1.54 37.78 40.02
CA ASP D 134 2.30 38.92 39.50
C ASP D 134 3.77 38.60 39.30
N GLU D 135 4.34 37.76 40.17
CA GLU D 135 5.74 37.37 40.06
C GLU D 135 5.94 36.54 38.77
N SER D 136 4.97 35.68 38.46
CA SER D 136 4.99 34.93 37.19
C SER D 136 4.78 35.89 36.02
N GLY D 137 3.89 36.87 36.22
CA GLY D 137 3.61 37.88 35.22
C GLY D 137 4.81 38.70 34.78
N VAL D 138 5.70 39.01 35.72
CA VAL D 138 6.92 39.75 35.41
C VAL D 138 7.78 38.95 34.43
N ILE D 139 7.99 37.67 34.72
CA ILE D 139 8.79 36.81 33.85
C ILE D 139 8.08 36.62 32.51
N MET D 140 6.78 36.34 32.57
CA MET D 140 5.97 36.20 31.36
C MET D 140 6.08 37.40 30.44
N ASN D 141 6.01 38.59 31.02
CA ASN D 141 6.09 39.84 30.25
C ASN D 141 7.45 39.99 29.56
N LYS D 142 8.52 39.63 30.27
CA LYS D 142 9.86 39.60 29.68
C LYS D 142 9.96 38.60 28.52
N TRP D 143 9.41 37.40 28.73
CA TRP D 143 9.46 36.37 27.69
C TRP D 143 8.69 36.76 26.43
N LYS D 144 7.47 37.28 26.61
CA LYS D 144 6.65 37.60 25.45
C LYS D 144 7.11 38.86 24.69
N ASP D 145 8.05 39.63 25.25
CA ASP D 145 8.70 40.72 24.52
C ASP D 145 9.54 40.21 23.34
N ASP D 146 9.90 38.93 23.39
CA ASP D 146 10.69 38.28 22.36
C ASP D 146 9.77 37.84 21.23
N GLY D 147 9.69 38.67 20.18
CA GLY D 147 8.79 38.43 19.05
C GLY D 147 9.01 37.09 18.35
N GLU D 148 10.28 36.68 18.25
CA GLU D 148 10.65 35.41 17.62
C GLU D 148 10.07 34.24 18.41
N PHE D 149 10.22 34.31 19.73
CA PHE D 149 9.72 33.28 20.64
C PHE D 149 8.22 33.10 20.45
N VAL D 150 7.48 34.21 20.47
CA VAL D 150 6.04 34.16 20.38
C VAL D 150 5.62 33.60 19.01
N LYS D 151 6.29 34.06 17.96
CA LYS D 151 6.05 33.52 16.62
C LYS D 151 6.25 32.01 16.53
N GLN D 152 7.32 31.51 17.14
CA GLN D 152 7.58 30.06 17.16
C GLN D 152 6.42 29.26 17.76
N LEU D 153 5.84 29.78 18.85
CA LEU D 153 4.70 29.13 19.50
C LEU D 153 3.46 29.09 18.60
N LYS D 154 3.16 30.21 17.93
CA LYS D 154 2.01 30.31 17.02
C LYS D 154 2.27 29.54 15.72
N PHE D 155 3.45 29.73 15.15
CA PHE D 155 3.83 29.17 13.85
C PHE D 155 3.88 27.64 13.82
N LEU D 156 4.41 27.04 14.89
CA LEU D 156 4.47 25.59 15.00
C LEU D 156 3.08 24.98 14.78
N ILE D 157 2.07 25.64 15.35
CA ILE D 157 0.69 25.17 15.25
C ILE D 157 0.20 25.22 13.81
N HIS D 158 0.37 26.35 13.13
CA HIS D 158 -0.08 26.45 11.72
C HIS D 158 0.68 25.50 10.81
N GLU D 159 1.97 25.34 11.09
CA GLU D 159 2.81 24.49 10.24
C GLU D 159 2.38 23.02 10.30
N CYS D 160 1.92 22.57 11.47
CA CYS D 160 1.60 21.15 11.67
C CYS D 160 0.13 20.86 11.97
N SER D 161 -0.71 21.90 11.97
CA SER D 161 -2.14 21.76 12.28
C SER D 161 -2.82 20.68 11.46
N GLN D 162 -2.64 20.72 10.13
CA GLN D 162 -3.31 19.79 9.24
C GLN D 162 -2.89 18.36 9.52
N LYS D 163 -1.60 18.13 9.70
CA LYS D 163 -1.09 16.78 9.93
C LYS D 163 -1.44 16.28 11.33
N MET D 164 -1.52 17.20 12.30
CA MET D 164 -2.02 16.86 13.64
C MET D 164 -3.50 16.49 13.60
N ASP D 165 -4.30 17.30 12.90
CA ASP D 165 -5.72 17.00 12.69
C ASP D 165 -5.91 15.63 12.04
N GLU D 166 -5.21 15.44 10.93
CA GLU D 166 -5.23 14.16 10.20
C GLU D 166 -4.94 12.98 11.11
N PHE D 167 -3.91 13.09 11.95
CA PHE D 167 -3.54 12.03 12.86
C PHE D 167 -4.60 11.80 13.94
N LEU D 168 -5.08 12.88 14.54
CA LEU D 168 -6.15 12.79 15.55
C LEU D 168 -7.41 12.15 14.97
N LYS D 169 -7.63 12.32 13.66
CA LYS D 169 -8.71 11.64 12.97
C LYS D 169 -8.54 10.11 13.00
N GLN D 170 -7.32 9.64 12.73
CA GLN D 170 -7.02 8.19 12.80
C GLN D 170 -7.43 7.59 14.15
N SER D 171 -6.96 8.23 15.23
CA SER D 171 -7.33 7.84 16.58
C SER D 171 -8.84 7.80 16.74
N LYS D 172 -9.51 8.87 16.29
CA LYS D 172 -10.98 8.98 16.30
C LYS D 172 -11.54 9.00 17.71
#